data_4YQK
#
_entry.id   4YQK
#
_cell.length_a   94.191
_cell.length_b   94.191
_cell.length_c   178.540
_cell.angle_alpha   90.000
_cell.angle_beta   90.000
_cell.angle_gamma   120.000
#
_symmetry.space_group_name_H-M   'H 3 2'
#
loop_
_entity.id
_entity.type
_entity.pdbx_description
1 polymer 'tRNA (guanine-N(1)-)-methyltransferase'
2 non-polymer 4-amino-N-(piperidin-4-yl)-1,2,5-oxadiazole-3-carboxamide
3 water water
#
_entity_poly.entity_id   1
_entity_poly.type   'polypeptide(L)'
_entity_poly.pdbx_seq_one_letter_code
;GLVPRGSHMWIGVISLFPEMFKAITEFGVTGRAVKHNLLKVECWNPRDFTFDKHKTVDDRPYGGGPGMLMMVQPLRDAIH
TAKAAAGEGAKVIYLSPQGRKLDQGGVTELAQNQKLILVCGRYEGIDERLIQTEIDEEWSIGDYVLTGGELPAMTLIDAV
ARFIPGVLGKQASAEEDSFADGLLDCPHYTRPEVLEGLTVPPVLMSGHHEEIRKWRLKQSLQRTWLRRPELLEGLALTDE
QRKLLKEAQAEHNS
;
_entity_poly.pdbx_strand_id   A
#
loop_
_chem_comp.id
_chem_comp.type
_chem_comp.name
_chem_comp.formula
4GS non-polymer 4-amino-N-(piperidin-4-yl)-1,2,5-oxadiazole-3-carboxamide 'C8 H13 N5 O2'
#
# COMPACT_ATOMS: atom_id res chain seq x y z
N GLY A 6 -10.41 15.78 -9.68
CA GLY A 6 -9.18 16.23 -9.03
C GLY A 6 -7.96 15.88 -9.87
N SER A 7 -6.83 15.69 -9.18
CA SER A 7 -5.68 15.00 -9.76
C SER A 7 -5.97 13.51 -9.69
N HIS A 8 -7.05 13.10 -10.35
CA HIS A 8 -7.54 11.74 -10.25
C HIS A 8 -6.52 10.73 -10.75
N MET A 9 -6.78 9.48 -10.39
CA MET A 9 -5.82 8.42 -10.58
C MET A 9 -6.55 7.28 -11.23
N TRP A 10 -5.90 6.64 -12.20
CA TRP A 10 -6.49 5.47 -12.84
C TRP A 10 -5.62 4.28 -12.56
N ILE A 11 -6.22 3.18 -12.08
CA ILE A 11 -5.41 2.02 -11.79
C ILE A 11 -6.02 0.83 -12.50
N GLY A 12 -5.22 0.22 -13.38
CA GLY A 12 -5.62 -1.00 -14.07
C GLY A 12 -5.10 -2.19 -13.28
N VAL A 13 -5.88 -3.26 -13.19
CA VAL A 13 -5.52 -4.42 -12.37
C VAL A 13 -5.66 -5.69 -13.22
N ILE A 14 -4.66 -6.57 -13.12
CA ILE A 14 -4.70 -7.86 -13.79
C ILE A 14 -4.81 -8.89 -12.70
N SER A 15 -5.92 -9.63 -12.65
CA SER A 15 -6.17 -10.56 -11.56
C SER A 15 -7.11 -11.64 -11.95
N LEU A 16 -6.85 -12.86 -11.45
CA LEU A 16 -7.76 -14.00 -11.60
C LEU A 16 -9.00 -13.89 -10.71
N PHE A 17 -8.94 -12.97 -9.76
CA PHE A 17 -10.06 -12.76 -8.81
C PHE A 17 -10.47 -11.30 -8.65
N PRO A 18 -10.97 -10.72 -9.73
CA PRO A 18 -11.23 -9.29 -9.73
C PRO A 18 -12.31 -8.88 -8.70
N GLU A 19 -13.20 -9.81 -8.35
CA GLU A 19 -14.19 -9.43 -7.32
C GLU A 19 -13.56 -9.15 -5.97
N MET A 20 -12.33 -9.62 -5.71
CA MET A 20 -11.70 -9.20 -4.44
C MET A 20 -11.61 -7.68 -4.30
N PHE A 21 -11.44 -6.99 -5.42
CA PHE A 21 -11.25 -5.57 -5.36
C PHE A 21 -12.47 -4.78 -4.91
N LYS A 22 -13.64 -5.43 -4.85
CA LYS A 22 -14.78 -4.78 -4.22
C LYS A 22 -14.48 -4.36 -2.79
N ALA A 23 -13.52 -5.04 -2.15
CA ALA A 23 -13.18 -4.65 -0.76
C ALA A 23 -12.70 -3.20 -0.70
N ILE A 24 -12.04 -2.73 -1.76
CA ILE A 24 -11.66 -1.33 -1.70
C ILE A 24 -12.56 -0.44 -2.55
N THR A 25 -13.24 -0.98 -3.59
CA THR A 25 -14.01 -0.04 -4.42
C THR A 25 -15.42 0.19 -3.90
N GLU A 26 -15.90 -0.63 -2.95
CA GLU A 26 -17.28 -0.47 -2.46
C GLU A 26 -17.40 0.05 -1.01
N PHE A 27 -16.30 0.24 -0.29
CA PHE A 27 -16.36 0.55 1.13
C PHE A 27 -15.41 1.66 1.57
N GLY A 28 -15.86 2.46 2.54
CA GLY A 28 -14.97 3.36 3.23
C GLY A 28 -14.49 4.50 2.35
N VAL A 29 -13.37 5.08 2.74
CA VAL A 29 -12.76 6.21 2.07
C VAL A 29 -12.44 5.90 0.61
N THR A 30 -11.89 4.71 0.35
CA THR A 30 -11.58 4.34 -1.04
C THR A 30 -12.86 4.13 -1.86
N GLY A 31 -13.90 3.61 -1.23
CA GLY A 31 -15.17 3.41 -1.94
C GLY A 31 -15.77 4.77 -2.31
N ARG A 32 -15.69 5.72 -1.40
CA ARG A 32 -16.15 7.09 -1.74
C ARG A 32 -15.31 7.67 -2.89
N ALA A 33 -14.00 7.45 -2.86
CA ALA A 33 -13.12 8.00 -3.93
C ALA A 33 -13.53 7.45 -5.27
N VAL A 34 -13.89 6.17 -5.31
CA VAL A 34 -14.32 5.55 -6.58
C VAL A 34 -15.68 6.13 -7.01
N LYS A 35 -16.64 6.16 -6.09
CA LYS A 35 -17.98 6.74 -6.43
C LYS A 35 -17.88 8.18 -6.98
N HIS A 36 -16.99 8.98 -6.40
CA HIS A 36 -16.84 10.38 -6.81
C HIS A 36 -15.88 10.60 -8.00
N ASN A 37 -15.44 9.50 -8.60
CA ASN A 37 -14.56 9.54 -9.79
C ASN A 37 -13.19 10.14 -9.51
N LEU A 38 -12.73 10.07 -8.27
CA LEU A 38 -11.39 10.55 -7.93
C LEU A 38 -10.40 9.44 -8.25
N LEU A 39 -10.88 8.21 -8.08
CA LEU A 39 -10.09 7.01 -8.31
C LEU A 39 -10.89 6.09 -9.23
N LYS A 40 -10.25 5.56 -10.27
CA LYS A 40 -10.89 4.55 -11.09
C LYS A 40 -10.05 3.30 -11.07
N VAL A 41 -10.69 2.16 -10.80
CA VAL A 41 -9.97 0.89 -10.77
C VAL A 41 -10.63 0.02 -11.84
N GLU A 42 -9.83 -0.45 -12.81
CA GLU A 42 -10.39 -1.24 -13.89
C GLU A 42 -9.69 -2.61 -13.93
N CYS A 43 -10.43 -3.72 -14.03
CA CYS A 43 -9.82 -5.04 -13.87
C CYS A 43 -9.92 -5.85 -15.17
N TRP A 44 -8.86 -6.62 -15.46
CA TRP A 44 -8.84 -7.59 -16.56
C TRP A 44 -8.44 -8.92 -15.97
N ASN A 45 -9.13 -9.97 -16.37
CA ASN A 45 -8.95 -11.31 -15.77
C ASN A 45 -8.33 -12.20 -16.84
N PRO A 46 -7.12 -12.73 -16.61
CA PRO A 46 -6.50 -13.65 -17.59
C PRO A 46 -7.44 -14.77 -18.06
N ARG A 47 -8.36 -15.17 -17.19
CA ARG A 47 -9.26 -16.27 -17.57
C ARG A 47 -10.07 -15.89 -18.82
N ASP A 48 -10.37 -14.61 -18.96
CA ASP A 48 -11.13 -14.15 -20.12
C ASP A 48 -10.33 -14.16 -21.44
N PHE A 49 -9.02 -14.37 -21.34
CA PHE A 49 -8.13 -14.38 -22.52
C PHE A 49 -7.68 -15.79 -22.88
N THR A 50 -8.28 -16.80 -22.23
CA THR A 50 -8.01 -18.19 -22.58
C THR A 50 -8.80 -18.63 -23.80
N PHE A 51 -8.35 -19.69 -24.44
CA PHE A 51 -9.11 -20.20 -25.60
C PHE A 51 -9.50 -21.66 -25.50
N ASP A 52 -8.95 -22.36 -24.51
CA ASP A 52 -9.30 -23.76 -24.41
C ASP A 52 -10.62 -23.91 -23.65
N LYS A 53 -11.19 -25.10 -23.75
CA LYS A 53 -12.55 -25.34 -23.24
C LYS A 53 -12.63 -25.13 -21.74
N HIS A 54 -11.57 -25.50 -21.02
CA HIS A 54 -11.60 -25.37 -19.57
C HIS A 54 -10.92 -24.10 -19.04
N LYS A 55 -10.58 -23.18 -19.93
CA LYS A 55 -10.12 -21.84 -19.54
C LYS A 55 -8.95 -21.95 -18.58
N THR A 56 -7.90 -22.59 -19.06
CA THR A 56 -6.74 -22.90 -18.22
C THR A 56 -5.88 -21.70 -18.01
N VAL A 57 -5.54 -21.42 -16.74
CA VAL A 57 -4.74 -20.20 -16.48
C VAL A 57 -3.46 -20.49 -15.75
N ASP A 58 -3.15 -21.77 -15.51
CA ASP A 58 -1.88 -22.13 -14.87
C ASP A 58 -1.07 -23.04 -15.81
N ASP A 59 0.20 -23.27 -15.48
CA ASP A 59 1.04 -24.08 -16.38
C ASP A 59 2.20 -24.60 -15.52
N ARG A 60 2.88 -25.63 -16.03
CA ARG A 60 3.87 -26.34 -15.24
C ARG A 60 5.23 -25.67 -15.39
N PRO A 61 6.01 -25.64 -14.31
CA PRO A 61 7.34 -25.03 -14.36
C PRO A 61 8.36 -25.91 -15.08
N TYR A 62 9.15 -25.32 -15.98
CA TYR A 62 10.30 -26.02 -16.49
C TYR A 62 11.20 -26.35 -15.33
N GLY A 63 11.76 -27.55 -15.34
CA GLY A 63 12.67 -27.95 -14.27
C GLY A 63 11.98 -28.68 -13.15
N GLY A 64 10.65 -28.71 -13.19
CA GLY A 64 9.86 -29.37 -12.16
C GLY A 64 9.73 -28.61 -10.86
N GLY A 65 9.28 -29.32 -9.83
CA GLY A 65 8.98 -28.67 -8.56
C GLY A 65 7.52 -28.84 -8.23
N PRO A 66 7.12 -28.48 -7.01
CA PRO A 66 5.81 -28.76 -6.44
C PRO A 66 4.66 -27.93 -7.02
N GLY A 67 4.95 -26.71 -7.44
CA GLY A 67 3.87 -25.78 -7.71
C GLY A 67 3.57 -25.55 -9.18
N MET A 68 2.72 -24.56 -9.45
CA MET A 68 2.39 -24.20 -10.84
C MET A 68 2.68 -22.74 -11.03
N LEU A 69 2.79 -22.29 -12.28
CA LEU A 69 2.97 -20.87 -12.53
C LEU A 69 1.73 -20.35 -13.25
N MET A 70 1.58 -19.04 -13.32
CA MET A 70 0.54 -18.54 -14.19
CA MET A 70 0.60 -18.44 -14.21
C MET A 70 0.92 -18.83 -15.65
N MET A 71 -0.10 -19.23 -16.40
CA MET A 71 0.15 -19.51 -17.84
C MET A 71 0.49 -18.21 -18.57
N VAL A 72 1.50 -18.26 -19.45
CA VAL A 72 1.98 -17.03 -20.10
C VAL A 72 0.97 -16.35 -21.04
N GLN A 73 0.37 -17.13 -21.95
CA GLN A 73 -0.42 -16.49 -23.01
C GLN A 73 -1.63 -15.66 -22.49
N PRO A 74 -2.46 -16.22 -21.56
CA PRO A 74 -3.63 -15.47 -21.10
C PRO A 74 -3.17 -14.27 -20.27
N LEU A 75 -2.10 -14.42 -19.51
CA LEU A 75 -1.62 -13.31 -18.68
C LEU A 75 -1.00 -12.21 -19.51
N ARG A 76 -0.17 -12.61 -20.49
CA ARG A 76 0.42 -11.66 -21.44
C ARG A 76 -0.66 -10.88 -22.17
N ASP A 77 -1.66 -11.60 -22.69
CA ASP A 77 -2.72 -10.93 -23.46
C ASP A 77 -3.53 -9.98 -22.56
N ALA A 78 -3.73 -10.36 -21.32
CA ALA A 78 -4.47 -9.46 -20.42
C ALA A 78 -3.69 -8.18 -20.16
N ILE A 79 -2.39 -8.35 -19.93
CA ILE A 79 -1.52 -7.20 -19.71
C ILE A 79 -1.54 -6.29 -20.94
N HIS A 80 -1.38 -6.87 -22.12
CA HIS A 80 -1.39 -6.03 -23.31
C HIS A 80 -2.69 -5.26 -23.49
N THR A 81 -3.81 -5.89 -23.16
CA THR A 81 -5.12 -5.22 -23.22
C THR A 81 -5.22 -4.06 -22.24
N ALA A 82 -4.73 -4.29 -21.02
CA ALA A 82 -4.71 -3.23 -20.02
C ALA A 82 -3.84 -2.05 -20.49
N LYS A 83 -2.69 -2.37 -21.10
CA LYS A 83 -1.77 -1.31 -21.56
C LYS A 83 -2.43 -0.50 -22.65
N ALA A 84 -3.16 -1.17 -23.54
CA ALA A 84 -3.86 -0.45 -24.61
C ALA A 84 -4.95 0.48 -24.06
N ALA A 85 -5.69 0.04 -23.04
CA ALA A 85 -6.63 0.92 -22.34
C ALA A 85 -5.98 2.10 -21.62
N ALA A 86 -4.81 1.89 -21.03
CA ALA A 86 -4.22 2.93 -20.19
C ALA A 86 -3.72 4.09 -21.05
N GLY A 87 -3.35 3.78 -22.28
CA GLY A 87 -2.74 4.75 -23.16
C GLY A 87 -1.31 4.99 -22.71
N GLU A 88 -0.76 6.16 -23.02
CA GLU A 88 0.65 6.42 -22.74
C GLU A 88 0.88 6.82 -21.29
N GLY A 89 2.05 6.47 -20.78
CA GLY A 89 2.49 6.91 -19.47
C GLY A 89 2.15 6.01 -18.29
N ALA A 90 1.53 4.86 -18.54
CA ALA A 90 1.18 3.98 -17.40
C ALA A 90 2.33 3.06 -17.05
N LYS A 91 2.73 3.09 -15.78
CA LYS A 91 3.79 2.26 -15.27
C LYS A 91 3.16 0.92 -14.86
N VAL A 92 3.76 -0.18 -15.28
CA VAL A 92 3.26 -1.52 -14.96
C VAL A 92 4.04 -2.06 -13.75
N ILE A 93 3.32 -2.45 -12.69
CA ILE A 93 3.94 -2.86 -11.43
C ILE A 93 3.61 -4.30 -11.16
N TYR A 94 4.60 -5.10 -10.78
CA TYR A 94 4.34 -6.47 -10.39
C TYR A 94 4.52 -6.55 -8.87
N LEU A 95 3.52 -7.07 -8.17
CA LEU A 95 3.68 -7.19 -6.72
C LEU A 95 4.32 -8.54 -6.39
N SER A 96 5.46 -8.53 -5.66
CA SER A 96 6.07 -9.84 -5.31
C SER A 96 7.06 -9.65 -4.17
N PRO A 97 7.38 -10.74 -3.48
CA PRO A 97 8.37 -10.61 -2.39
C PRO A 97 9.79 -10.24 -2.88
N GLN A 98 10.04 -10.37 -4.19
CA GLN A 98 11.37 -10.04 -4.75
C GLN A 98 11.45 -8.55 -5.12
N GLY A 99 10.37 -7.81 -4.89
CA GLY A 99 10.35 -6.40 -5.23
C GLY A 99 10.94 -5.46 -4.16
N ARG A 100 11.06 -4.21 -4.57
CA ARG A 100 11.44 -3.13 -3.67
C ARG A 100 10.47 -3.06 -2.50
N LYS A 101 10.99 -2.98 -1.29
CA LYS A 101 10.08 -2.98 -0.17
C LYS A 101 9.29 -1.68 -0.07
N LEU A 102 7.96 -1.77 -0.03
CA LEU A 102 7.15 -0.57 0.09
C LEU A 102 7.25 0.08 1.47
N ASP A 103 7.46 1.41 1.49
CA ASP A 103 7.29 2.19 2.72
C ASP A 103 6.62 3.51 2.33
N GLN A 104 6.41 4.41 3.27
CA GLN A 104 5.60 5.57 2.94
C GLN A 104 6.31 6.44 1.90
N GLY A 105 7.64 6.48 1.93
CA GLY A 105 8.34 7.23 0.91
C GLY A 105 8.10 6.65 -0.48
N GLY A 106 8.03 5.33 -0.56
CA GLY A 106 7.79 4.68 -1.83
C GLY A 106 6.34 4.89 -2.26
N VAL A 107 5.41 4.91 -1.30
CA VAL A 107 4.02 5.23 -1.63
C VAL A 107 3.92 6.64 -2.27
N THR A 108 4.62 7.61 -1.68
CA THR A 108 4.55 8.98 -2.17
C THR A 108 5.13 9.02 -3.61
N GLU A 109 6.14 8.19 -3.85
CA GLU A 109 6.71 8.13 -5.20
C GLU A 109 5.71 7.56 -6.20
N LEU A 110 5.07 6.46 -5.81
CA LEU A 110 4.13 5.80 -6.71
C LEU A 110 2.92 6.68 -6.97
N ALA A 111 2.56 7.48 -5.95
CA ALA A 111 1.38 8.34 -6.06
C ALA A 111 1.60 9.48 -7.05
N GLN A 112 2.83 9.71 -7.51
CA GLN A 112 3.08 10.74 -8.55
C GLN A 112 2.59 10.34 -9.93
N ASN A 113 2.22 9.06 -10.08
CA ASN A 113 1.73 8.51 -11.34
C ASN A 113 0.23 8.74 -11.51
N GLN A 114 -0.20 9.21 -12.66
CA GLN A 114 -1.64 9.39 -12.88
C GLN A 114 -2.26 8.06 -13.25
N LYS A 115 -1.44 7.17 -13.81
CA LYS A 115 -1.88 5.82 -14.23
C LYS A 115 -0.90 4.75 -13.78
N LEU A 116 -1.42 3.63 -13.31
CA LEU A 116 -0.63 2.48 -12.91
C LEU A 116 -1.35 1.24 -13.40
N ILE A 117 -0.60 0.18 -13.72
CA ILE A 117 -1.25 -1.12 -13.99
C ILE A 117 -0.62 -2.08 -12.99
N LEU A 118 -1.43 -2.81 -12.23
CA LEU A 118 -0.93 -3.70 -11.18
C LEU A 118 -1.17 -5.14 -11.56
N VAL A 119 -0.10 -5.91 -11.64
CA VAL A 119 -0.23 -7.31 -12.03
C VAL A 119 -0.20 -8.17 -10.76
N CYS A 120 -1.25 -8.97 -10.56
CA CYS A 120 -1.41 -9.75 -9.34
C CYS A 120 -1.12 -11.19 -9.65
N GLY A 121 -0.08 -11.73 -9.07
CA GLY A 121 0.29 -13.11 -9.36
C GLY A 121 -0.48 -14.09 -8.46
N ARG A 122 -0.72 -15.30 -8.96
CA ARG A 122 -1.30 -16.39 -8.17
C ARG A 122 -0.39 -17.60 -8.40
N TYR A 123 -0.66 -18.69 -7.71
CA TYR A 123 0.19 -19.90 -7.76
C TYR A 123 1.60 -19.55 -7.33
N GLU A 124 2.61 -20.23 -7.89
CA GLU A 124 3.97 -20.03 -7.37
C GLU A 124 4.70 -18.86 -7.98
N GLY A 125 4.15 -18.28 -9.04
CA GLY A 125 4.78 -17.13 -9.62
C GLY A 125 4.44 -16.94 -11.10
N ILE A 126 5.14 -16.01 -11.73
CA ILE A 126 4.98 -15.78 -13.17
C ILE A 126 6.30 -15.96 -13.85
N ASP A 127 6.26 -16.17 -15.17
CA ASP A 127 7.45 -16.44 -15.94
C ASP A 127 8.42 -15.25 -15.89
N GLU A 128 9.69 -15.53 -15.60
CA GLU A 128 10.70 -14.48 -15.46
C GLU A 128 10.80 -13.57 -16.70
N ARG A 129 10.62 -14.15 -17.87
CA ARG A 129 10.69 -13.37 -19.12
C ARG A 129 9.56 -12.38 -19.25
N LEU A 130 8.40 -12.64 -18.63
CA LEU A 130 7.34 -11.61 -18.62
C LEU A 130 7.72 -10.47 -17.73
N ILE A 131 8.43 -10.79 -16.65
CA ILE A 131 8.85 -9.71 -15.77
C ILE A 131 9.82 -8.84 -16.57
N GLN A 132 10.72 -9.51 -17.28
CA GLN A 132 11.68 -8.76 -18.08
C GLN A 132 11.04 -7.93 -19.16
N THR A 133 10.00 -8.45 -19.83
CA THR A 133 9.47 -7.79 -21.03
C THR A 133 8.24 -6.88 -20.76
N GLU A 134 7.52 -7.12 -19.66
CA GLU A 134 6.26 -6.41 -19.48
C GLU A 134 6.22 -5.55 -18.23
N ILE A 135 7.10 -5.82 -17.27
CA ILE A 135 7.01 -5.14 -15.97
C ILE A 135 8.01 -4.00 -15.86
N ASP A 136 7.54 -2.84 -15.40
CA ASP A 136 8.43 -1.68 -15.24
C ASP A 136 9.13 -1.72 -13.89
N GLU A 137 8.35 -1.99 -12.84
CA GLU A 137 8.85 -2.03 -11.48
C GLU A 137 8.26 -3.18 -10.68
N GLU A 138 9.08 -3.78 -9.83
CA GLU A 138 8.63 -4.83 -8.92
C GLU A 138 8.65 -4.26 -7.49
N TRP A 139 7.56 -4.44 -6.76
CA TRP A 139 7.41 -3.94 -5.37
C TRP A 139 6.88 -5.03 -4.45
N SER A 140 7.38 -5.07 -3.22
CA SER A 140 6.88 -5.96 -2.17
C SER A 140 6.17 -5.16 -1.08
N ILE A 141 5.04 -5.68 -0.57
CA ILE A 141 4.40 -4.95 0.55
C ILE A 141 4.97 -5.36 1.92
N GLY A 142 5.82 -6.37 1.91
CA GLY A 142 6.44 -6.81 3.15
C GLY A 142 7.08 -8.18 3.04
N ASP A 143 7.95 -8.49 4.00
CA ASP A 143 8.71 -9.73 3.96
C ASP A 143 7.92 -10.88 4.56
N TYR A 144 6.80 -11.21 3.94
CA TYR A 144 6.02 -12.40 4.31
C TYR A 144 5.38 -12.94 3.05
N VAL A 145 4.82 -14.14 3.11
CA VAL A 145 4.34 -14.84 1.91
C VAL A 145 2.84 -14.99 1.95
N LEU A 146 2.19 -14.53 0.89
CA LEU A 146 0.74 -14.56 0.78
C LEU A 146 0.32 -15.55 -0.30
N THR A 147 -0.99 -15.75 -0.47
CA THR A 147 -1.48 -16.72 -1.46
C THR A 147 -1.68 -16.05 -2.82
N GLY A 148 -1.64 -14.73 -2.87
CA GLY A 148 -1.81 -14.07 -4.16
C GLY A 148 -1.40 -12.60 -4.07
N GLY A 149 -1.22 -11.98 -5.24
CA GLY A 149 -0.82 -10.57 -5.28
C GLY A 149 -1.96 -9.58 -5.06
N GLU A 150 -3.18 -10.06 -4.95
CA GLU A 150 -4.32 -9.13 -4.88
C GLU A 150 -4.34 -8.28 -3.59
N LEU A 151 -4.09 -8.91 -2.43
CA LEU A 151 -4.09 -8.09 -1.21
C LEU A 151 -2.94 -7.06 -1.25
N PRO A 152 -1.75 -7.47 -1.73
CA PRO A 152 -0.73 -6.41 -1.93
C PRO A 152 -1.16 -5.30 -2.86
N ALA A 153 -1.82 -5.64 -3.99
CA ALA A 153 -2.29 -4.59 -4.91
C ALA A 153 -3.33 -3.70 -4.22
N MET A 154 -4.24 -4.29 -3.45
CA MET A 154 -5.22 -3.43 -2.78
C MET A 154 -4.59 -2.54 -1.77
N THR A 155 -3.62 -3.10 -1.04
CA THR A 155 -2.89 -2.34 -0.05
C THR A 155 -2.23 -1.12 -0.72
N LEU A 156 -1.62 -1.36 -1.87
CA LEU A 156 -0.90 -0.29 -2.57
CA LEU A 156 -0.90 -0.30 -2.58
C LEU A 156 -1.91 0.75 -3.05
N ILE A 157 -3.04 0.29 -3.59
CA ILE A 157 -4.07 1.21 -4.06
C ILE A 157 -4.57 2.09 -2.91
N ASP A 158 -4.83 1.44 -1.80
CA ASP A 158 -5.36 2.19 -0.65
C ASP A 158 -4.36 3.27 -0.20
N ALA A 159 -3.08 2.88 -0.11
CA ALA A 159 -2.05 3.81 0.38
C ALA A 159 -1.91 5.00 -0.60
N VAL A 160 -1.88 4.73 -1.91
CA VAL A 160 -1.70 5.84 -2.86
C VAL A 160 -2.98 6.69 -3.00
N ALA A 161 -4.13 6.08 -2.81
CA ALA A 161 -5.39 6.84 -2.86
C ALA A 161 -5.44 7.98 -1.86
N ARG A 162 -4.77 7.81 -0.71
CA ARG A 162 -4.78 8.87 0.31
C ARG A 162 -4.15 10.18 -0.19
N PHE A 163 -3.35 10.10 -1.25
CA PHE A 163 -2.70 11.28 -1.81
C PHE A 163 -3.51 12.02 -2.85
N ILE A 164 -4.63 11.45 -3.24
CA ILE A 164 -5.46 12.07 -4.28
C ILE A 164 -6.24 13.20 -3.67
N PRO A 165 -6.16 14.40 -4.28
CA PRO A 165 -6.90 15.52 -3.71
C PRO A 165 -8.39 15.22 -3.54
N GLY A 166 -8.92 15.48 -2.35
CA GLY A 166 -10.35 15.28 -2.12
C GLY A 166 -10.73 13.96 -1.50
N VAL A 167 -9.77 13.04 -1.45
CA VAL A 167 -10.08 11.71 -0.91
C VAL A 167 -10.18 11.71 0.63
N LEU A 168 -9.23 12.40 1.26
CA LEU A 168 -9.29 12.57 2.70
C LEU A 168 -10.03 13.87 2.97
N GLY A 169 -10.75 13.94 4.09
CA GLY A 169 -11.44 15.15 4.48
C GLY A 169 -10.49 16.16 5.10
N ASP A 181 5.73 12.14 9.34
CA ASP A 181 6.96 12.92 9.33
C ASP A 181 8.14 12.09 9.82
N GLY A 182 7.96 10.78 9.72
CA GLY A 182 9.04 9.85 10.00
C GLY A 182 8.84 9.18 11.35
N LEU A 183 7.93 9.73 12.16
CA LEU A 183 7.77 9.22 13.55
C LEU A 183 6.50 8.38 13.71
N LEU A 184 6.49 7.48 14.71
CA LEU A 184 5.24 6.77 15.07
C LEU A 184 4.22 7.78 15.58
N ASP A 185 2.94 7.42 15.49
CA ASP A 185 1.86 8.29 15.95
C ASP A 185 1.88 8.45 17.47
N CYS A 186 1.32 9.56 17.96
CA CYS A 186 1.06 9.76 19.39
C CYS A 186 -0.21 8.97 19.83
N PRO A 187 -0.36 8.72 21.15
CA PRO A 187 -1.60 8.15 21.69
C PRO A 187 -2.76 9.09 21.48
N HIS A 188 -3.94 8.50 21.33
CA HIS A 188 -5.17 9.25 21.07
C HIS A 188 -6.17 8.90 22.15
N TYR A 189 -6.98 9.89 22.56
CA TYR A 189 -8.00 9.65 23.59
C TYR A 189 -9.31 10.25 23.15
N THR A 190 -10.40 9.56 23.47
CA THR A 190 -11.73 10.15 23.26
C THR A 190 -12.57 9.81 24.51
N ARG A 191 -13.88 10.10 24.50
CA ARG A 191 -14.71 9.84 25.68
C ARG A 191 -14.69 8.36 26.01
N PRO A 192 -14.84 8.01 27.28
CA PRO A 192 -15.11 8.84 28.47
C PRO A 192 -13.86 9.37 29.11
N GLU A 193 -14.03 10.37 29.97
CA GLU A 193 -12.87 10.94 30.62
C GLU A 193 -12.12 9.88 31.46
N VAL A 194 -12.86 8.93 32.03
CA VAL A 194 -12.23 7.84 32.81
C VAL A 194 -12.71 6.47 32.29
N LEU A 195 -11.75 5.61 31.95
CA LEU A 195 -12.06 4.32 31.36
C LEU A 195 -11.27 3.20 32.04
N GLU A 196 -11.99 2.29 32.68
CA GLU A 196 -11.40 1.29 33.56
C GLU A 196 -10.31 1.88 34.48
N GLY A 197 -10.63 3.00 35.13
CA GLY A 197 -9.72 3.64 36.06
C GLY A 197 -8.62 4.49 35.45
N LEU A 198 -8.50 4.43 34.13
CA LEU A 198 -7.45 5.14 33.38
C LEU A 198 -7.97 6.49 32.90
N THR A 199 -7.24 7.55 33.25
CA THR A 199 -7.69 8.89 32.96
C THR A 199 -7.03 9.41 31.69
N VAL A 200 -7.67 10.37 31.03
CA VAL A 200 -7.06 11.11 29.93
C VAL A 200 -5.98 12.07 30.48
N PRO A 201 -4.77 12.09 29.88
CA PRO A 201 -3.75 13.10 30.23
C PRO A 201 -4.33 14.52 30.36
N PRO A 202 -4.19 15.15 31.55
CA PRO A 202 -4.78 16.48 31.73
C PRO A 202 -4.41 17.50 30.67
N VAL A 203 -3.21 17.41 30.10
CA VAL A 203 -2.82 18.38 29.09
C VAL A 203 -3.82 18.40 27.91
N LEU A 204 -4.37 17.24 27.56
CA LEU A 204 -5.30 17.18 26.44
C LEU A 204 -6.64 17.86 26.74
N MET A 205 -6.91 18.07 28.02
CA MET A 205 -8.16 18.71 28.40
C MET A 205 -7.95 20.15 28.88
N SER A 206 -6.71 20.63 28.77
CA SER A 206 -6.33 22.00 29.14
C SER A 206 -6.73 23.07 28.13
N GLY A 207 -6.93 22.67 26.87
CA GLY A 207 -7.23 23.64 25.83
C GLY A 207 -6.02 24.47 25.42
N HIS A 208 -4.85 24.13 25.93
CA HIS A 208 -3.64 24.88 25.59
C HIS A 208 -3.01 24.27 24.35
N HIS A 209 -3.28 24.87 23.19
CA HIS A 209 -2.95 24.22 21.92
C HIS A 209 -1.47 23.98 21.72
N GLU A 210 -0.63 24.90 22.19
CA GLU A 210 0.80 24.73 22.03
C GLU A 210 1.33 23.61 22.95
N GLU A 211 0.85 23.57 24.19
CA GLU A 211 1.27 22.47 25.06
C GLU A 211 0.78 21.14 24.51
N ILE A 212 -0.41 21.13 23.94
CA ILE A 212 -0.94 19.87 23.38
C ILE A 212 -0.07 19.43 22.21
N ARG A 213 0.31 20.36 21.34
CA ARG A 213 1.18 20.01 20.20
C ARG A 213 2.50 19.41 20.67
N LYS A 214 3.12 20.08 21.66
CA LYS A 214 4.41 19.64 22.17
C LYS A 214 4.31 18.30 22.88
N TRP A 215 3.25 18.10 23.65
CA TRP A 215 3.02 16.80 24.29
C TRP A 215 2.90 15.67 23.27
N ARG A 216 2.08 15.85 22.25
CA ARG A 216 1.92 14.85 21.19
C ARG A 216 3.23 14.55 20.49
N LEU A 217 3.99 15.61 20.24
CA LEU A 217 5.24 15.43 19.51
C LEU A 217 6.23 14.66 20.39
N LYS A 218 6.27 15.02 21.67
CA LYS A 218 7.13 14.33 22.62
C LYS A 218 6.76 12.85 22.72
N GLN A 219 5.46 12.56 22.79
CA GLN A 219 5.02 11.15 22.81
C GLN A 219 5.44 10.37 21.54
N SER A 220 5.30 10.99 20.38
CA SER A 220 5.72 10.33 19.11
C SER A 220 7.21 10.01 19.14
N LEU A 221 8.01 10.99 19.59
CA LEU A 221 9.44 10.78 19.70
C LEU A 221 9.74 9.68 20.70
N GLN A 222 9.10 9.72 21.88
CA GLN A 222 9.34 8.65 22.86
C GLN A 222 8.95 7.25 22.36
N ARG A 223 7.79 7.15 21.74
CA ARG A 223 7.34 5.86 21.20
C ARG A 223 8.23 5.37 20.05
N THR A 224 8.70 6.28 19.21
CA THR A 224 9.59 5.87 18.11
C THR A 224 10.90 5.34 18.71
N TRP A 225 11.43 6.08 19.67
CA TRP A 225 12.66 5.69 20.39
C TRP A 225 12.52 4.32 21.04
N LEU A 226 11.42 4.11 21.75
CA LEU A 226 11.28 2.82 22.48
C LEU A 226 10.97 1.61 21.57
N ARG A 227 10.13 1.81 20.56
CA ARG A 227 9.66 0.70 19.72
C ARG A 227 10.43 0.49 18.44
N ARG A 228 10.88 1.58 17.83
CA ARG A 228 11.46 1.55 16.48
C ARG A 228 12.67 2.47 16.43
N PRO A 229 13.71 2.21 17.25
CA PRO A 229 14.75 3.22 17.35
C PRO A 229 15.50 3.41 16.05
N GLU A 230 15.42 2.42 15.16
CA GLU A 230 16.15 2.52 13.91
C GLU A 230 15.52 3.59 13.04
N LEU A 231 14.24 3.88 13.23
CA LEU A 231 13.61 4.94 12.43
C LEU A 231 14.17 6.32 12.81
N LEU A 232 14.55 6.49 14.07
CA LEU A 232 15.10 7.76 14.53
C LEU A 232 16.39 8.12 13.85
N GLU A 233 17.18 7.10 13.53
CA GLU A 233 18.47 7.29 12.88
C GLU A 233 18.35 7.93 11.50
N GLY A 234 17.22 7.70 10.84
CA GLY A 234 17.06 8.19 9.48
C GLY A 234 16.55 9.63 9.45
N LEU A 235 16.44 10.24 10.62
CA LEU A 235 15.85 11.57 10.72
C LEU A 235 16.90 12.59 11.12
N ALA A 236 16.71 13.81 10.63
CA ALA A 236 17.44 14.98 11.07
C ALA A 236 16.47 15.73 11.95
N LEU A 237 16.57 15.52 13.26
CA LEU A 237 15.58 16.10 14.16
C LEU A 237 15.71 17.62 14.22
N THR A 238 14.59 18.30 14.38
CA THR A 238 14.65 19.74 14.60
C THR A 238 15.19 20.02 16.01
N ASP A 239 15.60 21.26 16.30
CA ASP A 239 16.02 21.60 17.68
C ASP A 239 14.93 21.23 18.67
N GLU A 240 13.68 21.56 18.33
CA GLU A 240 12.59 21.28 19.24
C GLU A 240 12.46 19.78 19.44
N GLN A 241 12.58 19.01 18.35
CA GLN A 241 12.47 17.57 18.50
C GLN A 241 13.61 17.00 19.32
N ARG A 242 14.82 17.53 19.15
CA ARG A 242 15.96 17.04 19.94
C ARG A 242 15.74 17.25 21.43
N LYS A 243 15.18 18.42 21.79
CA LYS A 243 14.93 18.77 23.18
C LYS A 243 13.87 17.86 23.78
N LEU A 244 12.77 17.67 23.07
CA LEU A 244 11.67 16.85 23.59
C LEU A 244 12.09 15.39 23.72
N LEU A 245 12.82 14.89 22.73
CA LEU A 245 13.35 13.52 22.83
C LEU A 245 14.28 13.38 24.05
N LYS A 246 15.24 14.30 24.22
CA LYS A 246 16.05 14.31 25.46
C LYS A 246 15.20 14.29 26.73
N GLU A 247 14.17 15.14 26.79
CA GLU A 247 13.26 15.14 27.95
C GLU A 247 12.62 13.76 28.18
N ALA A 248 12.09 13.17 27.11
CA ALA A 248 11.48 11.84 27.20
C ALA A 248 12.47 10.79 27.70
N GLN A 249 13.70 10.84 27.22
CA GLN A 249 14.69 9.84 27.59
C GLN A 249 15.11 10.03 29.06
N ALA A 250 15.22 11.27 29.51
CA ALA A 250 15.51 11.56 30.93
C ALA A 250 14.37 11.09 31.85
N GLU A 251 13.15 11.39 31.42
CA GLU A 251 11.91 10.97 32.07
C GLU A 251 11.83 9.46 32.19
N HIS A 252 12.00 8.81 31.05
CA HIS A 252 11.99 7.35 30.98
C HIS A 252 13.00 6.74 31.95
N ASN A 253 14.16 7.36 32.08
CA ASN A 253 15.23 6.85 32.94
C ASN A 253 14.91 7.04 34.43
C1 4GS B . 3.67 -10.69 -2.12
C 4GS B . 4.33 -9.84 -1.18
C2 4GS B . 3.40 -12.10 -1.99
C7 4GS B . 4.09 -14.90 -3.43
C4 4GS B . 1.90 -14.55 -4.25
C6 4GS B . 3.84 -16.39 -3.49
C5 4GS B . 1.71 -16.05 -4.36
C3 4GS B . 2.80 -14.17 -3.10
N2 4GS B . 3.31 -9.99 -3.20
N1 4GS B . 4.39 -8.59 -1.67
N4 4GS B . 2.99 -16.69 -4.62
N 4GS B . 4.79 -10.28 0.01
N3 4GS B . 3.07 -12.74 -3.17
O1 4GS B . 3.50 -12.67 -0.93
O 4GS B . 3.76 -8.68 -2.92
#